data_6A33
#
_entry.id   6A33
#
_cell.length_a   51.430
_cell.length_b   51.430
_cell.length_c   336.570
_cell.angle_alpha   90.00
_cell.angle_beta   90.00
_cell.angle_gamma   120.00
#
_symmetry.space_group_name_H-M   'P 61 2 2'
#
loop_
_entity.id
_entity.type
_entity.pdbx_description
1 polymer 'TNF receptor-associated factor 6'
2 polymer '15-mer peptide from TRAF-interacting protein with FHA domain-containing protein A'
3 water water
#
loop_
_entity_poly.entity_id
_entity_poly.type
_entity_poly.pdbx_seq_one_letter_code
_entity_poly.pdbx_strand_id
1 'polypeptide(L)'
;MNGIYIWKIGNFGMHLKCQEEEKPVVIHSPGFYTGKPGYKLCMRLHLQLPTAQRCANYISLFVHTMQGEYDSHLPWPFQG
TIRLTILDQSEAPVRQNHEEIMDAKPELLAFQRPTIPRNPKGFGYVTFMHLEALRQRTFIKDDTLLVRCEVSTLEHHHHH
H
;
A
2 'polypeptide(L)' SSQSSSPTEMDENES I
#
# COMPACT_ATOMS: atom_id res chain seq x y z
N ASN A 2 -12.89 12.97 -2.13
CA ASN A 2 -12.66 11.58 -1.75
C ASN A 2 -11.65 10.90 -2.66
N GLY A 3 -10.42 10.80 -2.17
CA GLY A 3 -9.31 10.39 -3.02
C GLY A 3 -9.32 8.89 -3.32
N ILE A 4 -9.19 8.56 -4.60
CA ILE A 4 -9.08 7.19 -5.06
C ILE A 4 -7.93 7.11 -6.04
N TYR A 5 -7.02 6.18 -5.82
CA TYR A 5 -5.91 5.96 -6.74
C TYR A 5 -5.82 4.47 -7.04
N ILE A 6 -5.72 4.11 -8.32
CA ILE A 6 -5.46 2.74 -8.72
C ILE A 6 -4.01 2.65 -9.20
N TRP A 7 -3.22 1.83 -8.51
CA TRP A 7 -1.81 1.65 -8.81
C TRP A 7 -1.66 0.44 -9.73
N LYS A 8 -1.13 0.66 -10.93
CA LYS A 8 -0.96 -0.42 -11.92
C LYS A 8 0.48 -0.90 -11.88
N ILE A 9 0.68 -2.13 -11.40
CA ILE A 9 2.02 -2.71 -11.33
C ILE A 9 2.19 -3.72 -12.45
N GLY A 10 2.74 -3.27 -13.57
CA GLY A 10 3.04 -4.17 -14.67
C GLY A 10 4.32 -4.92 -14.45
N ASN A 11 4.63 -5.79 -15.42
CA ASN A 11 5.82 -6.64 -15.35
C ASN A 11 5.84 -7.41 -14.04
N PHE A 12 4.67 -7.86 -13.62
CA PHE A 12 4.57 -8.44 -12.28
C PHE A 12 5.31 -9.77 -12.20
N GLY A 13 5.24 -10.58 -13.26
CA GLY A 13 5.94 -11.85 -13.27
C GLY A 13 7.41 -11.71 -12.92
N MET A 14 8.06 -10.65 -13.44
CA MET A 14 9.46 -10.44 -13.12
C MET A 14 9.66 -10.12 -11.63
N HIS A 15 8.76 -9.34 -11.04
CA HIS A 15 8.87 -9.08 -9.60
C HIS A 15 8.70 -10.38 -8.80
N LEU A 16 7.74 -11.22 -9.18
CA LEU A 16 7.58 -12.52 -8.51
C LEU A 16 8.83 -13.37 -8.66
N LYS A 17 9.43 -13.38 -9.86
CA LYS A 17 10.65 -14.14 -10.05
C LYS A 17 11.77 -13.64 -9.14
N CYS A 18 11.92 -12.31 -9.02
CA CYS A 18 12.90 -11.76 -8.07
C CYS A 18 12.66 -12.32 -6.66
N GLN A 19 11.40 -12.29 -6.21
CA GLN A 19 11.09 -12.80 -4.88
C GLN A 19 11.48 -14.27 -4.76
N GLU A 20 11.16 -15.07 -5.79
CA GLU A 20 11.50 -16.49 -5.73
C GLU A 20 12.99 -16.71 -5.67
N GLU A 21 13.78 -15.82 -6.27
CA GLU A 21 15.23 -15.94 -6.20
C GLU A 21 15.80 -15.28 -4.96
N GLU A 22 14.94 -14.89 -4.01
CA GLU A 22 15.36 -14.30 -2.73
C GLU A 22 16.09 -12.98 -2.96
N LYS A 23 15.56 -12.19 -3.89
CA LYS A 23 16.03 -10.83 -4.08
C LYS A 23 14.96 -9.88 -3.60
N PRO A 24 15.31 -8.89 -2.77
CA PRO A 24 14.28 -8.02 -2.20
C PRO A 24 13.49 -7.28 -3.28
N VAL A 25 12.19 -7.21 -3.08
CA VAL A 25 11.29 -6.42 -3.92
C VAL A 25 10.55 -5.45 -3.02
N VAL A 26 10.83 -4.17 -3.19
CA VAL A 26 10.22 -3.08 -2.42
C VAL A 26 9.95 -1.97 -3.44
N ILE A 27 8.69 -1.65 -3.66
CA ILE A 27 8.33 -0.70 -4.71
C ILE A 27 7.32 0.28 -4.13
N HIS A 28 7.30 1.48 -4.72
CA HIS A 28 6.47 2.58 -4.26
C HIS A 28 5.58 3.05 -5.39
N SER A 29 4.33 3.37 -5.07
CA SER A 29 3.44 3.97 -6.04
C SER A 29 3.85 5.41 -6.31
N PRO A 30 3.45 5.97 -7.45
CA PRO A 30 3.51 7.42 -7.60
C PRO A 30 2.73 8.10 -6.48
N GLY A 31 3.09 9.35 -6.22
CA GLY A 31 2.36 10.14 -5.24
C GLY A 31 0.99 10.52 -5.80
N PHE A 32 0.00 10.57 -4.92
CA PHE A 32 -1.34 10.96 -5.32
C PHE A 32 -1.98 11.78 -4.20
N TYR A 33 -2.88 12.68 -4.59
CA TYR A 33 -3.52 13.61 -3.67
C TYR A 33 -4.91 13.11 -3.27
N THR A 34 -5.31 13.39 -2.03
CA THR A 34 -6.67 13.03 -1.64
C THR A 34 -7.67 14.00 -2.22
N GLY A 35 -7.20 15.17 -2.62
CA GLY A 35 -7.98 16.22 -3.23
C GLY A 35 -7.02 17.34 -3.58
N LYS A 36 -7.55 18.36 -4.23
CA LYS A 36 -6.78 19.56 -4.56
C LYS A 36 -7.62 20.74 -4.12
N PRO A 37 -7.50 21.18 -2.87
CA PRO A 37 -6.49 20.80 -1.87
C PRO A 37 -6.70 19.48 -1.14
N GLY A 38 -5.61 18.91 -0.67
CA GLY A 38 -5.65 17.61 -0.03
C GLY A 38 -4.25 17.14 0.29
N TYR A 39 -4.20 15.94 0.89
CA TYR A 39 -2.95 15.35 1.34
C TYR A 39 -2.28 14.57 0.21
N LYS A 40 -0.95 14.54 0.25
CA LYS A 40 -0.18 13.69 -0.65
C LYS A 40 0.21 12.40 0.06
N LEU A 41 -0.06 11.28 -0.62
CA LEU A 41 0.20 9.94 -0.08
C LEU A 41 0.81 9.08 -1.17
N CYS A 42 1.42 7.98 -0.75
CA CYS A 42 1.80 6.94 -1.69
C CYS A 42 1.67 5.60 -0.98
N MET A 43 1.77 4.53 -1.77
CA MET A 43 1.74 3.18 -1.27
C MET A 43 3.12 2.57 -1.40
N ARG A 44 3.46 1.69 -0.45
CA ARG A 44 4.69 0.91 -0.51
C ARG A 44 4.29 -0.55 -0.47
N LEU A 45 4.83 -1.35 -1.40
CA LEU A 45 4.53 -2.77 -1.50
C LEU A 45 5.82 -3.59 -1.38
N HIS A 46 5.78 -4.60 -0.52
CA HIS A 46 6.88 -5.54 -0.35
C HIS A 46 6.46 -6.92 -0.80
N LEU A 47 7.35 -7.63 -1.49
CA LEU A 47 7.21 -9.08 -1.64
C LEU A 47 8.18 -9.71 -0.65
N GLN A 48 7.69 -10.11 0.52
CA GLN A 48 8.59 -10.64 1.54
C GLN A 48 9.28 -11.91 1.08
N LEU A 49 10.58 -11.99 1.41
CA LEU A 49 11.43 -13.06 0.92
C LEU A 49 11.02 -14.41 1.51
N PRO A 50 11.36 -15.51 0.83
CA PRO A 50 11.08 -16.84 1.40
C PRO A 50 11.79 -17.09 2.71
N THR A 51 12.83 -16.33 3.01
CA THR A 51 13.61 -16.50 4.22
C THR A 51 13.21 -15.53 5.31
N ALA A 52 12.12 -14.80 5.15
CA ALA A 52 11.72 -13.81 6.15
C ALA A 52 11.14 -14.50 7.38
N GLN A 53 11.10 -13.76 8.50
CA GLN A 53 10.96 -14.36 9.82
C GLN A 53 9.64 -15.13 9.96
N ARG A 54 8.52 -14.42 9.97
CA ARG A 54 7.22 -15.06 10.03
C ARG A 54 6.30 -14.67 8.88
N CYS A 55 6.66 -13.63 8.13
CA CYS A 55 5.85 -13.13 7.04
C CYS A 55 6.40 -13.53 5.69
N ALA A 56 7.18 -14.61 5.62
CA ALA A 56 7.76 -15.05 4.36
C ALA A 56 6.67 -15.25 3.31
N ASN A 57 6.96 -14.81 2.08
CA ASN A 57 6.09 -15.01 0.92
C ASN A 57 4.76 -14.26 1.01
N TYR A 58 4.68 -13.22 1.84
CA TYR A 58 3.50 -12.36 1.89
C TYR A 58 3.73 -11.10 1.07
N ILE A 59 2.63 -10.54 0.58
CA ILE A 59 2.61 -9.15 0.11
C ILE A 59 2.38 -8.25 1.32
N SER A 60 3.28 -7.29 1.54
CA SER A 60 3.04 -6.22 2.50
C SER A 60 2.61 -4.97 1.75
N LEU A 61 1.67 -4.22 2.33
CA LEU A 61 1.14 -3.02 1.71
C LEU A 61 0.99 -1.94 2.77
N PHE A 62 1.68 -0.82 2.59
CA PHE A 62 1.64 0.31 3.51
C PHE A 62 1.29 1.60 2.80
N VAL A 63 0.72 2.54 3.56
CA VAL A 63 0.50 3.90 3.11
C VAL A 63 1.50 4.81 3.81
N HIS A 64 2.01 5.83 3.09
CA HIS A 64 2.91 6.85 3.63
C HIS A 64 2.38 8.23 3.29
N THR A 65 2.42 9.13 4.27
CA THR A 65 2.25 10.54 3.94
C THR A 65 3.49 11.08 3.23
N MET A 66 3.28 12.07 2.37
CA MET A 66 4.35 12.73 1.63
C MET A 66 4.21 14.24 1.79
N GLN A 67 5.31 14.95 1.55
CA GLN A 67 5.22 16.40 1.49
C GLN A 67 4.43 16.82 0.25
N GLY A 68 3.30 17.50 0.47
CA GLY A 68 2.44 17.93 -0.63
C GLY A 68 2.29 19.43 -0.74
N GLU A 69 1.79 19.92 -1.89
CA GLU A 69 1.68 21.36 -2.10
C GLU A 69 0.77 22.06 -1.11
N TYR A 70 -0.17 21.35 -0.49
CA TYR A 70 -1.21 22.00 0.32
C TYR A 70 -0.97 21.88 1.82
N ASP A 71 0.19 21.37 2.24
CA ASP A 71 0.36 20.92 3.63
C ASP A 71 0.16 22.05 4.63
N SER A 72 0.55 23.28 4.30
CA SER A 72 0.38 24.43 5.20
C SER A 72 -1.07 24.80 5.42
N HIS A 73 -1.98 24.37 4.55
CA HIS A 73 -3.38 24.73 4.66
C HIS A 73 -4.23 23.60 5.21
N LEU A 74 -3.60 22.49 5.58
CA LEU A 74 -4.36 21.31 6.01
C LEU A 74 -4.14 21.03 7.49
N PRO A 75 -5.15 20.49 8.17
CA PRO A 75 -4.95 20.12 9.58
C PRO A 75 -4.04 18.90 9.71
N TRP A 76 -3.19 18.94 10.73
CA TRP A 76 -2.35 17.81 11.09
C TRP A 76 -2.51 17.52 12.57
N PRO A 77 -2.39 16.24 12.98
CA PRO A 77 -2.11 15.06 12.16
C PRO A 77 -3.26 14.67 11.22
N PHE A 78 -2.93 13.86 10.22
CA PHE A 78 -3.92 13.32 9.31
C PHE A 78 -4.87 12.40 10.07
N GLN A 79 -6.18 12.55 9.83
CA GLN A 79 -7.18 11.62 10.32
C GLN A 79 -8.09 11.21 9.18
N GLY A 80 -8.51 9.94 9.19
CA GLY A 80 -9.42 9.45 8.16
C GLY A 80 -9.40 7.94 8.07
N THR A 81 -9.99 7.44 7.00
CA THR A 81 -10.18 6.01 6.76
C THR A 81 -9.58 5.65 5.41
N ILE A 82 -8.84 4.55 5.34
CA ILE A 82 -8.12 4.15 4.14
C ILE A 82 -8.50 2.72 3.81
N ARG A 83 -8.96 2.50 2.58
CA ARG A 83 -9.33 1.19 2.10
C ARG A 83 -8.31 0.75 1.07
N LEU A 84 -7.64 -0.38 1.32
CA LEU A 84 -6.61 -0.93 0.45
C LEU A 84 -7.13 -2.21 -0.17
N THR A 85 -7.08 -2.29 -1.50
CA THR A 85 -7.71 -3.41 -2.21
C THR A 85 -6.79 -3.91 -3.31
N ILE A 86 -6.55 -5.21 -3.34
CA ILE A 86 -5.97 -5.83 -4.51
C ILE A 86 -7.12 -6.35 -5.35
N LEU A 87 -7.27 -5.79 -6.55
CA LEU A 87 -8.49 -5.98 -7.33
C LEU A 87 -8.50 -7.36 -7.99
N ASP A 88 -9.66 -8.02 -7.90
CA ASP A 88 -9.91 -9.25 -8.62
C ASP A 88 -10.31 -8.88 -10.05
N GLN A 89 -9.45 -9.21 -11.01
CA GLN A 89 -9.66 -8.79 -12.39
C GLN A 89 -10.46 -9.80 -13.22
N SER A 90 -11.39 -10.54 -12.61
CA SER A 90 -12.34 -11.33 -13.39
C SER A 90 -13.61 -10.50 -13.62
N GLU A 91 -14.59 -11.11 -14.29
CA GLU A 91 -15.84 -10.43 -14.59
C GLU A 91 -16.64 -10.18 -13.31
N ALA A 92 -17.56 -9.22 -13.39
CA ALA A 92 -18.34 -8.79 -12.23
C ALA A 92 -19.02 -9.93 -11.47
N PRO A 93 -19.75 -10.85 -12.12
CA PRO A 93 -20.51 -11.85 -11.33
C PRO A 93 -19.63 -12.83 -10.57
N VAL A 94 -18.37 -12.96 -10.92
CA VAL A 94 -17.51 -14.01 -10.39
C VAL A 94 -16.37 -13.42 -9.56
N ARG A 95 -16.50 -12.19 -9.08
CA ARG A 95 -15.37 -11.40 -8.61
C ARG A 95 -15.40 -11.22 -7.09
N GLN A 96 -14.23 -11.34 -6.46
CA GLN A 96 -14.08 -11.06 -5.03
C GLN A 96 -12.73 -10.40 -4.76
N ASN A 97 -12.73 -9.09 -4.55
CA ASN A 97 -11.48 -8.38 -4.27
C ASN A 97 -10.89 -8.81 -2.94
N HIS A 98 -9.59 -8.53 -2.76
CA HIS A 98 -8.89 -8.78 -1.50
C HIS A 98 -8.65 -7.44 -0.83
N GLU A 99 -9.23 -7.23 0.36
CA GLU A 99 -9.43 -5.87 0.82
C GLU A 99 -9.27 -5.79 2.34
N GLU A 100 -8.69 -4.68 2.80
CA GLU A 100 -8.71 -4.30 4.21
C GLU A 100 -9.07 -2.84 4.31
N ILE A 101 -9.70 -2.46 5.42
CA ILE A 101 -10.02 -1.05 5.66
C ILE A 101 -9.51 -0.68 7.04
N MET A 102 -8.80 0.44 7.14
CA MET A 102 -8.17 0.83 8.39
C MET A 102 -8.43 2.31 8.68
N ASP A 103 -8.50 2.64 9.96
CA ASP A 103 -8.59 4.02 10.37
C ASP A 103 -7.18 4.54 10.64
N ALA A 104 -6.90 5.74 10.14
CA ALA A 104 -5.64 6.38 10.47
C ALA A 104 -5.59 6.66 11.97
N LYS A 105 -4.40 6.58 12.54
CA LYS A 105 -4.24 6.84 13.97
C LYS A 105 -3.47 8.13 14.14
N PRO A 106 -4.14 9.25 14.44
CA PRO A 106 -3.43 10.54 14.51
C PRO A 106 -2.31 10.56 15.52
N GLU A 107 -2.31 9.64 16.48
CA GLU A 107 -1.27 9.56 17.50
C GLU A 107 0.06 9.05 16.95
N LEU A 108 0.06 8.43 15.77
CA LEU A 108 1.25 7.80 15.20
C LEU A 108 2.04 8.76 14.32
N LEU A 109 3.35 8.51 14.25
CA LEU A 109 4.23 9.40 13.47
C LEU A 109 4.01 9.25 11.98
N ALA A 110 3.45 8.12 11.54
CA ALA A 110 3.13 7.96 10.14
C ALA A 110 2.12 8.99 9.66
N PHE A 111 1.31 9.56 10.55
CA PHE A 111 0.25 10.47 10.12
C PHE A 111 0.54 11.91 10.48
N GLN A 112 1.73 12.19 11.01
CA GLN A 112 2.12 13.57 11.19
CA GLN A 112 2.14 13.57 11.19
C GLN A 112 2.66 14.15 9.87
N ARG A 113 2.75 15.46 9.83
CA ARG A 113 3.20 16.13 8.62
C ARG A 113 4.64 15.73 8.32
N PRO A 114 4.93 15.26 7.11
CA PRO A 114 6.30 14.80 6.83
C PRO A 114 7.26 15.97 6.72
N THR A 115 8.51 15.71 7.11
CA THR A 115 9.59 16.69 7.02
C THR A 115 10.57 16.40 5.89
N ILE A 116 10.45 15.23 5.26
CA ILE A 116 11.23 14.87 4.09
C ILE A 116 10.22 14.43 3.03
N PRO A 117 10.61 14.24 1.77
CA PRO A 117 9.59 13.96 0.74
C PRO A 117 8.62 12.85 1.07
N ARG A 118 9.09 11.70 1.53
CA ARG A 118 8.22 10.63 1.98
C ARG A 118 8.48 10.34 3.44
N ASN A 119 7.42 10.37 4.25
CA ASN A 119 7.52 10.00 5.66
C ASN A 119 8.06 8.59 5.78
N PRO A 120 9.17 8.36 6.50
CA PRO A 120 9.74 7.00 6.58
C PRO A 120 8.85 6.02 7.32
N LYS A 121 7.96 6.50 8.18
CA LYS A 121 7.04 5.61 8.87
C LYS A 121 5.82 5.39 7.99
N GLY A 122 5.53 4.13 7.67
CA GLY A 122 4.34 3.79 6.93
C GLY A 122 3.37 3.06 7.82
N PHE A 123 2.11 2.96 7.39
CA PHE A 123 1.06 2.34 8.18
C PHE A 123 0.28 1.41 7.27
N GLY A 124 0.18 0.14 7.67
CA GLY A 124 -0.45 -0.84 6.80
C GLY A 124 -0.31 -2.25 7.34
N TYR A 125 -0.21 -3.20 6.41
CA TYR A 125 -0.31 -4.62 6.70
C TYR A 125 0.95 -5.34 6.26
N VAL A 126 1.70 -5.86 7.24
CA VAL A 126 2.85 -6.71 6.93
C VAL A 126 2.40 -7.96 6.19
N THR A 127 1.28 -8.57 6.60
CA THR A 127 0.76 -9.75 5.95
C THR A 127 -0.54 -9.42 5.22
N PHE A 128 -0.49 -8.49 4.25
CA PHE A 128 -1.70 -8.07 3.55
C PHE A 128 -2.33 -9.23 2.78
N MET A 129 -1.52 -9.96 2.01
CA MET A 129 -2.03 -11.02 1.16
C MET A 129 -0.90 -11.98 0.86
N HIS A 130 -1.11 -13.29 1.12
CA HIS A 130 -0.08 -14.27 0.80
C HIS A 130 0.01 -14.47 -0.72
N LEU A 131 1.23 -14.66 -1.20
CA LEU A 131 1.48 -14.85 -2.63
C LEU A 131 0.66 -16.01 -3.18
N GLU A 132 0.50 -17.08 -2.40
CA GLU A 132 -0.28 -18.23 -2.87
C GLU A 132 -1.75 -17.89 -3.05
N ALA A 133 -2.26 -16.90 -2.31
CA ALA A 133 -3.65 -16.51 -2.50
C ALA A 133 -3.87 -15.86 -3.86
N LEU A 134 -2.81 -15.30 -4.47
CA LEU A 134 -2.92 -14.72 -5.79
C LEU A 134 -3.39 -15.74 -6.82
N ARG A 135 -3.07 -17.02 -6.60
CA ARG A 135 -3.36 -18.05 -7.59
C ARG A 135 -4.79 -18.56 -7.54
N GLN A 136 -5.59 -18.11 -6.57
CA GLN A 136 -6.94 -18.64 -6.38
C GLN A 136 -7.99 -17.92 -7.22
N ARG A 137 -7.79 -16.65 -7.53
CA ARG A 137 -8.64 -15.86 -8.42
C ARG A 137 -7.74 -15.15 -9.41
N THR A 138 -8.35 -14.49 -10.39
CA THR A 138 -7.59 -13.84 -11.45
C THR A 138 -7.16 -12.44 -11.00
N PHE A 139 -6.25 -12.43 -10.01
CA PHE A 139 -5.72 -11.16 -9.53
C PHE A 139 -4.67 -10.58 -10.47
N ILE A 140 -3.91 -11.43 -11.15
CA ILE A 140 -2.93 -10.99 -12.13
C ILE A 140 -3.53 -11.18 -13.51
N LYS A 141 -3.68 -10.08 -14.26
CA LYS A 141 -4.19 -10.14 -15.62
C LYS A 141 -3.29 -9.30 -16.50
N ASP A 142 -2.88 -9.87 -17.63
CA ASP A 142 -1.94 -9.21 -18.54
C ASP A 142 -0.69 -8.75 -17.79
N ASP A 143 -0.16 -9.65 -16.94
CA ASP A 143 1.10 -9.44 -16.21
C ASP A 143 1.04 -8.18 -15.35
N THR A 144 -0.14 -7.89 -14.77
CA THR A 144 -0.38 -6.65 -14.05
C THR A 144 -1.21 -6.92 -12.80
N LEU A 145 -0.74 -6.40 -11.66
CA LEU A 145 -1.50 -6.35 -10.43
C LEU A 145 -2.05 -4.94 -10.25
N LEU A 146 -3.29 -4.83 -9.78
CA LEU A 146 -3.91 -3.52 -9.56
C LEU A 146 -4.16 -3.34 -8.08
N VAL A 147 -3.64 -2.25 -7.52
CA VAL A 147 -3.73 -1.99 -6.08
C VAL A 147 -4.46 -0.67 -5.92
N ARG A 148 -5.65 -0.73 -5.33
CA ARG A 148 -6.51 0.43 -5.25
C ARG A 148 -6.51 0.97 -3.82
N CYS A 149 -6.45 2.30 -3.71
CA CYS A 149 -6.40 2.96 -2.40
C CYS A 149 -7.48 4.02 -2.38
N GLU A 150 -8.42 3.89 -1.47
CA GLU A 150 -9.48 4.89 -1.33
C GLU A 150 -9.37 5.50 0.05
N VAL A 151 -9.37 6.84 0.10
CA VAL A 151 -9.11 7.61 1.31
C VAL A 151 -10.32 8.47 1.61
N SER A 152 -10.86 8.32 2.81
CA SER A 152 -11.96 9.14 3.29
C SER A 152 -11.42 10.16 4.28
N THR A 153 -11.65 11.44 3.97
CA THR A 153 -11.16 12.65 4.69
C THR A 153 -9.69 12.55 5.06
N SER B 5 -4.45 -9.22 9.89
CA SER B 5 -5.82 -8.79 10.13
C SER B 5 -5.88 -7.39 10.77
N SER B 6 -4.74 -6.91 11.28
CA SER B 6 -4.66 -5.60 11.95
C SER B 6 -3.44 -4.81 11.50
N PRO B 7 -3.59 -3.50 11.28
CA PRO B 7 -2.51 -2.70 10.71
C PRO B 7 -1.48 -2.25 11.73
N THR B 8 -0.25 -2.05 11.25
CA THR B 8 0.85 -1.67 12.12
C THR B 8 1.67 -0.56 11.44
N GLU B 9 2.48 0.11 12.25
CA GLU B 9 3.42 1.11 11.77
C GLU B 9 4.78 0.46 11.53
N MET B 10 5.38 0.71 10.38
CA MET B 10 6.68 0.15 10.05
C MET B 10 7.56 1.25 9.48
N ASP B 11 8.85 1.18 9.79
CA ASP B 11 9.82 2.12 9.27
C ASP B 11 10.48 1.53 8.04
N GLU B 12 10.48 2.29 6.93
CA GLU B 12 11.00 1.77 5.67
C GLU B 12 12.51 1.60 5.66
N ASN B 13 13.21 2.18 6.63
CA ASN B 13 14.66 2.01 6.74
C ASN B 13 15.02 0.78 7.58
N GLU B 14 14.07 -0.13 7.80
CA GLU B 14 14.24 -1.34 8.61
C GLU B 14 14.74 -0.97 10.02
N SER B 15 13.87 -0.26 10.74
CA SER B 15 14.17 0.18 12.10
C SER B 15 14.66 1.62 12.15
#